data_8Z3B
#
_entry.id   8Z3B
#
_cell.length_a   58.124
_cell.length_b   82.355
_cell.length_c   106.598
_cell.angle_alpha   90.000
_cell.angle_beta   90.000
_cell.angle_gamma   90.000
#
_symmetry.space_group_name_H-M   'P 21 21 21'
#
loop_
_entity.id
_entity.type
_entity.pdbx_description
1 polymer 'Glutathione S-transferase delta'
2 water water
#
_entity_poly.entity_id   1
_entity_poly.type   'polypeptide(L)'
_entity_poly.pdbx_seq_one_letter_code
;PDLYYVPGSAPCRAVLLTAKALNLNLNLKLVDLHHGEQMKPEYLKLNPQHTVPTLVDDGLAIAESRAILTYLVNKYGKGS
TLYPEDPKARAIVDQRLYFDIGTLYQRFGDYFYPQLFGGAPEDKEKLAKVDEALKFLDTFLEGQKYVAGNNLTVADLSLV
ASVSSFEAANIDFLKYGNVKRWYETVKATAPGYEEANGKGLEAFKGLVNSIM
;
_entity_poly.pdbx_strand_id   A,B
#
# COMPACT_ATOMS: atom_id res chain seq x y z
N PRO A 1 3.20 -11.74 21.68
CA PRO A 1 3.54 -10.51 20.95
C PRO A 1 2.75 -9.28 21.42
N ASP A 2 3.37 -8.10 21.32
CA ASP A 2 2.73 -6.85 21.70
C ASP A 2 2.14 -6.16 20.48
N LEU A 3 0.98 -5.52 20.67
CA LEU A 3 0.38 -4.67 19.64
C LEU A 3 0.15 -3.29 20.24
N TYR A 4 0.94 -2.33 19.80
CA TYR A 4 0.71 -0.93 20.13
C TYR A 4 -0.39 -0.40 19.21
N TYR A 5 -1.46 0.14 19.78
CA TYR A 5 -2.65 0.41 18.99
C TYR A 5 -3.45 1.53 19.63
N VAL A 6 -4.45 2.01 18.88
CA VAL A 6 -5.56 2.81 19.42
C VAL A 6 -6.82 2.22 18.79
N PRO A 7 -7.95 2.18 19.50
CA PRO A 7 -9.12 1.45 18.97
C PRO A 7 -9.83 2.13 17.81
N GLY A 8 -9.81 3.46 17.72
CA GLY A 8 -10.51 4.11 16.62
C GLY A 8 -9.84 3.93 15.27
N SER A 9 -8.53 3.70 15.25
CA SER A 9 -7.78 3.47 14.01
C SER A 9 -8.22 2.21 13.28
N ALA A 10 -8.75 2.41 12.07
CA ALA A 10 -9.03 1.27 11.18
C ALA A 10 -7.83 0.37 10.87
N PRO A 11 -6.59 0.85 10.63
CA PRO A 11 -5.47 -0.12 10.53
C PRO A 11 -5.25 -0.98 11.76
N CYS A 12 -5.59 -0.47 12.95
CA CYS A 12 -5.41 -1.26 14.17
C CYS A 12 -6.50 -2.31 14.32
N ARG A 13 -7.72 -1.95 13.92
CA ARG A 13 -8.84 -2.88 13.95
C ARG A 13 -8.67 -4.01 12.94
N ALA A 14 -7.99 -3.74 11.82
CA ALA A 14 -7.66 -4.79 10.87
C ALA A 14 -6.74 -5.84 11.50
N VAL A 15 -5.78 -5.40 12.32
CA VAL A 15 -4.91 -6.35 13.02
C VAL A 15 -5.69 -7.14 14.06
N LEU A 16 -6.57 -6.46 14.82
CA LEU A 16 -7.36 -7.13 15.85
C LEU A 16 -8.30 -8.17 15.24
N LEU A 17 -8.86 -7.88 14.06
CA LEU A 17 -9.70 -8.85 13.36
C LEU A 17 -8.89 -10.06 12.91
N THR A 18 -7.67 -9.82 12.41
CA THR A 18 -6.82 -10.90 11.92
C THR A 18 -6.37 -11.82 13.05
N ALA A 19 -6.04 -11.24 14.22
CA ALA A 19 -5.63 -12.02 15.38
C ALA A 19 -6.77 -12.88 15.91
N LYS A 20 -8.00 -12.36 15.90
CA LYS A 20 -9.18 -13.14 16.28
C LYS A 20 -9.41 -14.30 15.32
N ALA A 21 -9.28 -14.05 14.01
CA ALA A 21 -9.47 -15.10 13.03
C ALA A 21 -8.38 -16.18 13.12
N LEU A 22 -7.19 -15.83 13.60
CA LEU A 22 -6.13 -16.79 13.84
C LEU A 22 -6.18 -17.42 15.22
N ASN A 23 -7.16 -17.03 16.06
CA ASN A 23 -7.27 -17.42 17.47
C ASN A 23 -5.97 -17.12 18.22
N LEU A 24 -5.42 -15.95 17.96
CA LEU A 24 -4.10 -15.57 18.44
C LEU A 24 -4.30 -14.41 19.40
N ASN A 25 -3.79 -14.57 20.62
CA ASN A 25 -3.88 -13.50 21.61
C ASN A 25 -2.68 -12.58 21.46
N LEU A 26 -2.96 -11.28 21.44
CA LEU A 26 -1.92 -10.25 21.45
C LEU A 26 -1.99 -9.50 22.77
N ASN A 27 -0.83 -9.11 23.29
CA ASN A 27 -0.78 -8.25 24.46
C ASN A 27 -0.99 -6.82 23.97
N LEU A 28 -2.18 -6.29 24.20
CA LEU A 28 -2.56 -4.98 23.68
C LEU A 28 -1.93 -3.88 24.52
N LYS A 29 -1.33 -2.90 23.86
CA LYS A 29 -0.69 -1.76 24.50
C LYS A 29 -1.35 -0.51 23.95
N LEU A 30 -2.25 0.09 24.73
CA LEU A 30 -2.90 1.31 24.30
C LEU A 30 -1.89 2.45 24.27
N VAL A 31 -1.82 3.14 23.14
CA VAL A 31 -0.85 4.21 22.95
C VAL A 31 -1.49 5.54 23.36
N ASP A 32 -0.81 6.27 24.24
CA ASP A 32 -1.32 7.52 24.80
C ASP A 32 -1.04 8.64 23.80
N LEU A 33 -1.97 8.85 22.87
CA LEU A 33 -1.80 9.93 21.90
C LEU A 33 -2.03 11.29 22.52
N HIS A 34 -2.80 11.37 23.61
CA HIS A 34 -3.05 12.63 24.31
C HIS A 34 -1.84 13.13 25.08
N HIS A 35 -0.79 12.32 25.23
CA HIS A 35 0.47 12.78 25.78
C HIS A 35 1.60 12.60 24.77
N GLY A 36 1.28 12.27 23.53
CA GLY A 36 2.28 12.12 22.49
C GLY A 36 3.25 10.99 22.72
N GLU A 37 2.76 9.86 23.25
CA GLU A 37 3.61 8.72 23.60
C GLU A 37 4.34 8.15 22.40
N GLN A 38 3.71 8.21 21.21
CA GLN A 38 4.30 7.62 20.02
C GLN A 38 5.54 8.37 19.50
N MET A 39 5.81 9.59 19.96
CA MET A 39 7.02 10.30 19.56
C MET A 39 8.07 10.40 20.64
N LYS A 40 7.96 9.59 21.70
CA LYS A 40 9.02 9.47 22.68
C LYS A 40 10.07 8.50 22.14
N PRO A 41 11.33 8.57 22.61
CA PRO A 41 12.43 7.82 21.96
C PRO A 41 12.30 6.30 21.94
N GLU A 42 11.69 5.69 22.94
CA GLU A 42 11.57 4.23 22.94
C GLU A 42 10.55 3.74 21.91
N TYR A 43 9.46 4.48 21.69
CA TYR A 43 8.55 4.12 20.62
C TYR A 43 9.18 4.31 19.25
N LEU A 44 9.97 5.38 19.08
CA LEU A 44 10.60 5.65 17.79
C LEU A 44 11.70 4.65 17.45
N LYS A 45 12.27 3.97 18.45
CA LYS A 45 13.14 2.84 18.18
C LYS A 45 12.36 1.68 17.58
N LEU A 46 11.14 1.46 18.05
CA LEU A 46 10.30 0.41 17.46
C LEU A 46 9.76 0.84 16.10
N ASN A 47 9.35 2.09 15.96
CA ASN A 47 8.62 2.55 14.79
C ASN A 47 9.03 4.02 14.53
N PRO A 48 9.96 4.23 13.59
CA PRO A 48 10.37 5.62 13.30
C PRO A 48 9.28 6.49 12.69
N GLN A 49 8.27 5.90 12.03
CA GLN A 49 7.17 6.68 11.47
C GLN A 49 6.18 7.15 12.53
N HIS A 50 6.38 6.77 13.81
CA HIS A 50 5.53 7.03 14.98
C HIS A 50 4.04 6.83 14.73
N THR A 51 3.69 5.74 14.06
CA THR A 51 2.31 5.40 13.76
C THR A 51 1.86 4.22 14.61
N VAL A 52 0.55 4.01 14.62
CA VAL A 52 -0.04 2.78 15.11
C VAL A 52 -0.75 2.12 13.92
N PRO A 53 -0.80 0.78 13.83
CA PRO A 53 -0.26 -0.21 14.77
C PRO A 53 1.23 -0.46 14.66
N THR A 54 1.81 -0.95 15.75
CA THR A 54 3.14 -1.56 15.73
C THR A 54 3.03 -2.90 16.43
N LEU A 55 3.40 -3.96 15.74
CA LEU A 55 3.49 -5.29 16.33
C LEU A 55 4.94 -5.53 16.74
N VAL A 56 5.14 -5.92 17.99
CA VAL A 56 6.47 -6.35 18.46
C VAL A 56 6.35 -7.82 18.83
N ASP A 57 7.13 -8.66 18.16
CA ASP A 57 7.04 -10.10 18.35
C ASP A 57 8.47 -10.63 18.42
N ASP A 58 8.89 -10.98 19.64
CA ASP A 58 10.25 -11.44 19.97
C ASP A 58 11.33 -10.54 19.36
N GLY A 59 11.30 -9.28 19.78
CA GLY A 59 12.27 -8.29 19.33
C GLY A 59 12.01 -7.65 17.98
N LEU A 60 11.28 -8.30 17.07
CA LEU A 60 11.02 -7.70 15.76
C LEU A 60 9.82 -6.77 15.83
N ALA A 61 10.00 -5.53 15.37
CA ALA A 61 8.95 -4.52 15.33
C ALA A 61 8.48 -4.32 13.90
N ILE A 62 7.16 -4.46 13.69
CA ILE A 62 6.55 -4.30 12.37
C ILE A 62 5.55 -3.16 12.44
N ALA A 63 5.77 -2.13 11.62
CA ALA A 63 4.75 -1.11 11.37
C ALA A 63 3.98 -1.55 10.12
N GLU A 64 3.05 -0.71 9.63
CA GLU A 64 2.19 -1.02 8.48
C GLU A 64 1.28 -2.23 8.71
N SER A 65 0.07 -1.94 9.21
CA SER A 65 -0.98 -2.93 9.47
C SER A 65 -1.09 -4.06 8.46
N ARG A 66 -1.06 -3.73 7.16
CA ARG A 66 -1.20 -4.77 6.14
C ARG A 66 0.02 -5.67 6.05
N ALA A 67 1.19 -5.20 6.49
CA ALA A 67 2.33 -6.09 6.65
C ALA A 67 2.21 -6.93 7.92
N ILE A 68 1.57 -6.37 8.96
CA ILE A 68 1.31 -7.13 10.18
C ILE A 68 0.33 -8.26 9.91
N LEU A 69 -0.72 -8.00 9.09
CA LEU A 69 -1.76 -8.99 8.80
C LEU A 69 -1.18 -10.23 8.14
N THR A 70 -0.34 -10.02 7.13
CA THR A 70 0.24 -11.14 6.41
C THR A 70 1.33 -11.83 7.22
N TYR A 71 2.07 -11.08 8.06
CA TYR A 71 3.06 -11.70 8.94
C TYR A 71 2.40 -12.68 9.92
N LEU A 72 1.25 -12.28 10.47
CA LEU A 72 0.57 -13.11 11.46
C LEU A 72 0.10 -14.43 10.85
N VAL A 73 -0.35 -14.40 9.60
CA VAL A 73 -0.72 -15.64 8.94
C VAL A 73 0.52 -16.41 8.46
N ASN A 74 1.53 -15.71 7.94
CA ASN A 74 2.76 -16.40 7.50
C ASN A 74 3.46 -17.09 8.68
N LYS A 75 3.38 -16.52 9.88
CA LYS A 75 4.06 -17.05 11.05
C LYS A 75 3.17 -17.94 11.90
N TYR A 76 1.90 -17.59 12.08
CA TYR A 76 1.01 -18.27 13.03
C TYR A 76 -0.21 -18.88 12.36
N GLY A 77 -0.19 -19.09 11.03
CA GLY A 77 -1.41 -19.45 10.35
C GLY A 77 -1.41 -20.75 9.55
N LYS A 78 -0.82 -21.80 10.13
CA LYS A 78 -1.04 -23.19 9.70
C LYS A 78 -2.53 -23.54 9.64
N GLY A 79 -2.95 -24.09 8.51
CA GLY A 79 -4.32 -24.50 8.31
C GLY A 79 -5.28 -23.38 8.06
N SER A 80 -4.78 -22.20 7.75
CA SER A 80 -5.60 -21.03 7.47
C SER A 80 -5.77 -20.80 5.97
N THR A 81 -6.99 -20.41 5.58
CA THR A 81 -7.30 -19.92 4.25
C THR A 81 -7.20 -18.40 4.15
N LEU A 82 -6.84 -17.73 5.25
CA LEU A 82 -6.79 -16.26 5.31
C LEU A 82 -5.73 -15.64 4.41
N TYR A 83 -4.69 -16.38 4.04
CA TYR A 83 -3.64 -15.86 3.16
C TYR A 83 -3.03 -17.05 2.45
N PRO A 84 -3.66 -17.49 1.35
CA PRO A 84 -3.25 -18.78 0.75
C PRO A 84 -1.89 -18.71 0.08
N GLU A 85 -1.20 -19.85 0.10
CA GLU A 85 0.18 -19.91 -0.37
C GLU A 85 0.29 -19.98 -1.88
N ASP A 86 -0.79 -20.38 -2.57
CA ASP A 86 -0.77 -20.45 -4.03
C ASP A 86 -0.52 -19.04 -4.59
N PRO A 87 0.50 -18.87 -5.44
CA PRO A 87 0.91 -17.52 -5.88
C PRO A 87 -0.19 -16.74 -6.58
N LYS A 88 -1.04 -17.41 -7.35
CA LYS A 88 -2.16 -16.77 -8.00
C LYS A 88 -3.19 -16.28 -6.98
N ALA A 89 -3.53 -17.13 -6.00
CA ALA A 89 -4.52 -16.73 -5.00
C ALA A 89 -3.95 -15.70 -4.02
N ARG A 90 -2.66 -15.81 -3.69
CA ARG A 90 -2.01 -14.80 -2.85
C ARG A 90 -1.93 -13.45 -3.56
N ALA A 91 -1.72 -13.46 -4.88
CA ALA A 91 -1.64 -12.22 -5.64
C ALA A 91 -2.96 -11.47 -5.64
N ILE A 92 -4.08 -12.19 -5.59
CA ILE A 92 -5.39 -11.52 -5.54
C ILE A 92 -5.60 -10.89 -4.16
N VAL A 93 -5.16 -11.56 -3.09
CA VAL A 93 -5.23 -10.97 -1.75
C VAL A 93 -4.31 -9.77 -1.64
N ASP A 94 -3.08 -9.89 -2.17
CA ASP A 94 -2.11 -8.81 -2.11
C ASP A 94 -2.60 -7.59 -2.89
N GLN A 95 -3.22 -7.82 -4.05
CA GLN A 95 -3.76 -6.74 -4.87
C GLN A 95 -4.86 -5.96 -4.16
N ARG A 96 -5.74 -6.65 -3.42
CA ARG A 96 -6.81 -5.96 -2.69
C ARG A 96 -6.27 -5.17 -1.50
N LEU A 97 -5.18 -5.64 -0.90
CA LEU A 97 -4.55 -4.90 0.18
C LEU A 97 -3.92 -3.62 -0.32
N TYR A 98 -3.27 -3.66 -1.49
CA TYR A 98 -2.70 -2.43 -2.05
C TYR A 98 -3.80 -1.50 -2.56
N PHE A 99 -4.93 -2.06 -3.02
CA PHE A 99 -6.08 -1.24 -3.37
C PHE A 99 -6.63 -0.53 -2.14
N ASP A 100 -6.64 -1.24 -0.99
CA ASP A 100 -7.15 -0.69 0.27
C ASP A 100 -6.34 0.52 0.72
N ILE A 101 -5.02 0.37 0.82
CA ILE A 101 -4.21 1.47 1.33
C ILE A 101 -4.08 2.58 0.28
N GLY A 102 -3.92 2.22 -0.99
CA GLY A 102 -3.53 3.19 -1.99
C GLY A 102 -4.71 3.90 -2.64
N THR A 103 -5.87 3.25 -2.69
CA THR A 103 -7.03 3.85 -3.35
C THR A 103 -8.20 4.08 -2.42
N LEU A 104 -8.75 3.05 -1.78
CA LEU A 104 -10.02 3.22 -1.08
C LEU A 104 -9.85 4.01 0.21
N TYR A 105 -8.94 3.59 1.09
CA TYR A 105 -8.76 4.31 2.35
C TYR A 105 -8.07 5.65 2.15
N GLN A 106 -7.18 5.74 1.16
CA GLN A 106 -6.53 7.01 0.82
C GLN A 106 -7.55 8.06 0.39
N ARG A 107 -8.51 7.67 -0.46
CA ARG A 107 -9.51 8.64 -0.91
C ARG A 107 -10.49 8.98 0.21
N PHE A 108 -10.78 8.02 1.09
CA PHE A 108 -11.61 8.30 2.26
C PHE A 108 -10.94 9.32 3.17
N GLY A 109 -9.64 9.14 3.43
CA GLY A 109 -8.93 10.07 4.28
C GLY A 109 -8.78 11.45 3.67
N ASP A 110 -8.55 11.52 2.36
CA ASP A 110 -8.45 12.82 1.69
C ASP A 110 -9.80 13.54 1.67
N TYR A 111 -10.90 12.78 1.72
CA TYR A 111 -12.23 13.38 1.71
C TYR A 111 -12.66 13.84 3.11
N PHE A 112 -12.43 13.00 4.12
CA PHE A 112 -13.05 13.21 5.43
C PHE A 112 -12.19 14.04 6.37
N TYR A 113 -10.88 13.81 6.40
CA TYR A 113 -10.00 14.51 7.34
C TYR A 113 -9.91 16.04 7.15
N PRO A 114 -10.00 16.62 5.94
CA PRO A 114 -10.18 18.08 5.88
C PRO A 114 -11.47 18.58 6.51
N GLN A 115 -12.54 17.77 6.55
CA GLN A 115 -13.74 18.20 7.23
C GLN A 115 -13.62 18.06 8.74
N LEU A 116 -13.05 16.94 9.21
CA LEU A 116 -12.92 16.70 10.63
C LEU A 116 -11.91 17.63 11.27
N PHE A 117 -10.67 17.61 10.77
CA PHE A 117 -9.58 18.35 11.41
C PHE A 117 -9.40 19.75 10.87
N GLY A 118 -9.65 19.96 9.58
CA GLY A 118 -9.47 21.29 9.02
C GLY A 118 -10.71 22.15 9.02
N GLY A 119 -11.86 21.61 9.41
CA GLY A 119 -13.12 22.34 9.39
C GLY A 119 -13.63 22.75 8.01
N ALA A 120 -13.01 22.23 6.95
CA ALA A 120 -13.34 22.63 5.59
C ALA A 120 -14.69 22.08 5.17
N PRO A 121 -15.36 22.72 4.21
CA PRO A 121 -16.63 22.18 3.71
C PRO A 121 -16.41 20.95 2.85
N GLU A 122 -17.52 20.24 2.61
CA GLU A 122 -17.49 18.97 1.90
C GLU A 122 -17.14 19.18 0.43
N ASP A 123 -16.05 18.56 -0.01
CA ASP A 123 -15.59 18.62 -1.39
C ASP A 123 -16.30 17.52 -2.16
N LYS A 124 -17.17 17.91 -3.10
CA LYS A 124 -17.90 16.90 -3.86
C LYS A 124 -17.03 16.16 -4.87
N GLU A 125 -15.90 16.75 -5.30
CA GLU A 125 -14.96 16.02 -6.13
C GLU A 125 -14.26 14.92 -5.34
N LYS A 126 -13.91 15.20 -4.08
CA LYS A 126 -13.26 14.19 -3.27
C LYS A 126 -14.23 13.10 -2.84
N LEU A 127 -15.51 13.45 -2.66
CA LEU A 127 -16.55 12.44 -2.43
C LEU A 127 -16.71 11.55 -3.66
N ALA A 128 -16.60 12.15 -4.85
CA ALA A 128 -16.72 11.39 -6.09
C ALA A 128 -15.59 10.38 -6.24
N LYS A 129 -14.38 10.72 -5.76
CA LYS A 129 -13.28 9.76 -5.80
C LYS A 129 -13.51 8.61 -4.83
N VAL A 130 -14.18 8.87 -3.70
CA VAL A 130 -14.57 7.81 -2.78
C VAL A 130 -15.60 6.90 -3.42
N ASP A 131 -16.59 7.49 -4.10
CA ASP A 131 -17.63 6.73 -4.77
C ASP A 131 -17.07 5.89 -5.92
N GLU A 132 -16.05 6.40 -6.60
CA GLU A 132 -15.40 5.64 -7.66
C GLU A 132 -14.65 4.44 -7.10
N ALA A 133 -13.97 4.62 -5.94
CA ALA A 133 -13.29 3.50 -5.30
C ALA A 133 -14.27 2.45 -4.80
N LEU A 134 -15.43 2.89 -4.31
CA LEU A 134 -16.48 1.96 -3.91
C LEU A 134 -17.05 1.19 -5.09
N LYS A 135 -17.12 1.82 -6.27
CA LYS A 135 -17.60 1.13 -7.46
C LYS A 135 -16.59 0.09 -7.95
N PHE A 136 -15.29 0.38 -7.81
CA PHE A 136 -14.25 -0.62 -8.07
C PHE A 136 -14.40 -1.83 -7.15
N LEU A 137 -14.63 -1.56 -5.86
CA LEU A 137 -14.81 -2.63 -4.89
C LEU A 137 -16.09 -3.43 -5.18
N ASP A 138 -17.15 -2.73 -5.61
CA ASP A 138 -18.38 -3.37 -6.04
C ASP A 138 -18.14 -4.29 -7.23
N THR A 139 -17.28 -3.86 -8.16
CA THR A 139 -16.95 -4.65 -9.34
C THR A 139 -16.11 -5.88 -8.97
N PHE A 140 -15.18 -5.73 -8.01
CA PHE A 140 -14.39 -6.87 -7.53
C PHE A 140 -15.26 -7.95 -6.91
N LEU A 141 -16.34 -7.56 -6.24
CA LEU A 141 -17.22 -8.47 -5.54
C LEU A 141 -18.30 -9.09 -6.43
N GLU A 142 -18.33 -8.77 -7.72
CA GLU A 142 -19.41 -9.19 -8.62
C GLU A 142 -19.31 -10.68 -8.89
N GLY A 143 -20.14 -11.47 -8.21
CA GLY A 143 -20.13 -12.90 -8.41
C GLY A 143 -19.26 -13.66 -7.44
N GLN A 144 -18.72 -13.01 -6.40
CA GLN A 144 -17.84 -13.64 -5.43
C GLN A 144 -18.36 -13.37 -4.02
N LYS A 145 -18.08 -14.30 -3.12
CA LYS A 145 -18.49 -14.13 -1.73
C LYS A 145 -17.63 -13.09 -1.02
N TYR A 146 -16.32 -13.13 -1.24
CA TYR A 146 -15.38 -12.25 -0.56
C TYR A 146 -14.56 -11.50 -1.62
N VAL A 147 -13.69 -10.58 -1.17
CA VAL A 147 -13.00 -9.70 -2.12
C VAL A 147 -11.91 -10.41 -2.91
N ALA A 148 -11.42 -11.55 -2.44
CA ALA A 148 -10.34 -12.23 -3.13
C ALA A 148 -10.64 -13.71 -3.41
N GLY A 149 -11.90 -14.10 -3.44
CA GLY A 149 -12.26 -15.48 -3.66
C GLY A 149 -13.48 -15.85 -2.85
N ASN A 150 -13.61 -17.15 -2.59
CA ASN A 150 -14.74 -17.68 -1.83
C ASN A 150 -14.41 -17.87 -0.36
N ASN A 151 -13.18 -17.58 0.05
CA ASN A 151 -12.79 -17.65 1.45
C ASN A 151 -12.54 -16.25 2.01
N LEU A 152 -12.86 -16.09 3.29
CA LEU A 152 -12.47 -14.90 4.02
C LEU A 152 -10.95 -14.83 4.09
N THR A 153 -10.38 -13.71 3.67
CA THR A 153 -8.94 -13.48 3.71
C THR A 153 -8.64 -12.22 4.51
N VAL A 154 -7.34 -11.95 4.70
CA VAL A 154 -6.92 -10.73 5.38
C VAL A 154 -7.27 -9.47 4.58
N ALA A 155 -7.48 -9.62 3.26
CA ALA A 155 -7.94 -8.50 2.46
C ALA A 155 -9.35 -8.07 2.86
N ASP A 156 -10.23 -9.03 3.17
CA ASP A 156 -11.56 -8.69 3.68
C ASP A 156 -11.48 -7.98 5.03
N LEU A 157 -10.59 -8.44 5.90
CA LEU A 157 -10.49 -7.87 7.24
C LEU A 157 -9.88 -6.47 7.19
N SER A 158 -8.90 -6.28 6.32
CA SER A 158 -8.36 -4.93 6.09
C SER A 158 -9.42 -4.02 5.49
N LEU A 159 -10.16 -4.50 4.49
CA LEU A 159 -11.12 -3.64 3.82
C LEU A 159 -12.37 -3.38 4.65
N VAL A 160 -12.80 -4.33 5.49
CA VAL A 160 -13.98 -4.08 6.31
C VAL A 160 -13.65 -3.08 7.41
N ALA A 161 -12.40 -3.05 7.89
CA ALA A 161 -12.01 -2.03 8.86
C ALA A 161 -12.01 -0.65 8.22
N SER A 162 -11.56 -0.57 6.96
CA SER A 162 -11.59 0.68 6.23
C SER A 162 -13.01 1.12 5.92
N VAL A 163 -13.85 0.19 5.45
CA VAL A 163 -15.18 0.56 4.97
C VAL A 163 -16.13 0.86 6.14
N SER A 164 -16.01 0.13 7.26
CA SER A 164 -16.78 0.45 8.47
C SER A 164 -16.57 1.88 8.95
N SER A 165 -15.35 2.41 8.81
CA SER A 165 -15.06 3.80 9.14
C SER A 165 -15.86 4.81 8.33
N PHE A 166 -16.37 4.42 7.13
CA PHE A 166 -17.18 5.31 6.31
C PHE A 166 -18.50 5.65 7.00
N GLU A 167 -18.97 4.78 7.90
CA GLU A 167 -20.19 5.04 8.67
C GLU A 167 -20.09 6.30 9.51
N ALA A 168 -18.91 6.53 10.12
CA ALA A 168 -18.70 7.70 10.96
C ALA A 168 -18.73 8.99 10.15
N ALA A 169 -18.39 8.92 8.87
CA ALA A 169 -18.47 10.05 7.97
C ALA A 169 -19.82 10.17 7.27
N ASN A 170 -20.76 9.26 7.57
CA ASN A 170 -22.08 9.15 6.91
C ASN A 170 -21.97 9.08 5.40
N ILE A 171 -20.96 8.36 4.91
CA ILE A 171 -20.81 8.09 3.49
C ILE A 171 -21.75 6.96 3.10
N ASP A 172 -22.50 7.15 2.03
CA ASP A 172 -23.39 6.10 1.53
C ASP A 172 -22.55 5.09 0.77
N PHE A 173 -22.27 3.95 1.40
CA PHE A 173 -21.64 2.83 0.72
C PHE A 173 -22.57 1.65 0.51
N LEU A 174 -23.67 1.56 1.26
CA LEU A 174 -24.60 0.44 1.16
C LEU A 174 -25.43 0.49 -0.12
N LYS A 175 -25.45 1.64 -0.83
CA LYS A 175 -26.09 1.73 -2.13
C LYS A 175 -25.35 0.95 -3.21
N TYR A 176 -24.12 0.54 -2.97
CA TYR A 176 -23.41 -0.40 -3.84
C TYR A 176 -23.79 -1.82 -3.40
N GLY A 177 -24.51 -2.54 -4.25
CA GLY A 177 -25.19 -3.75 -3.81
C GLY A 177 -24.26 -4.90 -3.47
N ASN A 178 -23.16 -5.04 -4.21
CA ASN A 178 -22.21 -6.09 -3.89
C ASN A 178 -21.42 -5.74 -2.63
N VAL A 179 -21.10 -4.45 -2.45
CA VAL A 179 -20.45 -3.99 -1.24
C VAL A 179 -21.32 -4.25 -0.02
N LYS A 180 -22.63 -4.01 -0.14
CA LYS A 180 -23.56 -4.20 0.97
C LYS A 180 -23.68 -5.66 1.37
N ARG A 181 -23.81 -6.55 0.37
CA ARG A 181 -23.86 -7.99 0.63
C ARG A 181 -22.56 -8.49 1.28
N TRP A 182 -21.42 -8.04 0.76
CA TRP A 182 -20.13 -8.44 1.30
C TRP A 182 -19.92 -7.93 2.72
N TYR A 183 -20.35 -6.68 2.97
CA TYR A 183 -20.20 -6.05 4.29
C TYR A 183 -20.94 -6.83 5.36
N GLU A 184 -22.19 -7.19 5.09
CA GLU A 184 -22.97 -8.00 6.03
C GLU A 184 -22.43 -9.41 6.17
N THR A 185 -21.84 -9.96 5.10
CA THR A 185 -21.22 -11.29 5.19
C THR A 185 -20.02 -11.29 6.11
N VAL A 186 -19.14 -10.28 5.98
CA VAL A 186 -17.93 -10.20 6.82
C VAL A 186 -18.31 -9.97 8.27
N LYS A 187 -19.30 -9.11 8.53
CA LYS A 187 -19.77 -8.86 9.88
C LYS A 187 -20.32 -10.12 10.55
N ALA A 188 -20.93 -11.01 9.76
CA ALA A 188 -21.46 -12.26 10.29
C ALA A 188 -20.43 -13.38 10.36
N THR A 189 -19.35 -13.32 9.56
CA THR A 189 -18.43 -14.45 9.50
C THR A 189 -17.03 -14.18 10.02
N ALA A 190 -16.62 -12.93 10.17
CA ALA A 190 -15.30 -12.67 10.76
C ALA A 190 -15.36 -12.97 12.25
N PRO A 191 -14.50 -13.85 12.77
CA PRO A 191 -14.55 -14.21 14.20
C PRO A 191 -14.27 -13.00 15.07
N GLY A 192 -15.13 -12.81 16.08
CA GLY A 192 -14.95 -11.73 17.05
C GLY A 192 -15.09 -10.35 16.46
N TYR A 193 -15.98 -10.16 15.47
CA TYR A 193 -16.08 -8.90 14.73
C TYR A 193 -16.46 -7.73 15.63
N GLU A 194 -17.48 -7.92 16.47
CA GLU A 194 -18.01 -6.83 17.28
C GLU A 194 -16.99 -6.36 18.31
N GLU A 195 -16.24 -7.31 18.87
CA GLU A 195 -15.18 -6.96 19.81
C GLU A 195 -13.98 -6.33 19.11
N ALA A 196 -13.52 -6.91 18.00
CA ALA A 196 -12.28 -6.47 17.38
C ALA A 196 -12.45 -5.23 16.51
N ASN A 197 -13.60 -5.07 15.84
CA ASN A 197 -13.82 -3.91 14.98
C ASN A 197 -14.94 -3.01 15.45
N GLY A 198 -16.07 -3.58 15.87
CA GLY A 198 -17.25 -2.78 16.19
C GLY A 198 -17.05 -1.87 17.39
N LYS A 199 -16.29 -2.34 18.39
CA LYS A 199 -16.08 -1.57 19.61
C LYS A 199 -15.19 -0.36 19.34
N GLY A 200 -14.07 -0.57 18.65
CA GLY A 200 -13.21 0.54 18.28
C GLY A 200 -13.82 1.51 17.29
N LEU A 201 -14.74 1.04 16.45
CA LEU A 201 -15.45 1.94 15.54
C LEU A 201 -16.34 2.92 16.31
N GLU A 202 -16.88 2.50 17.45
CA GLU A 202 -17.71 3.39 18.26
C GLU A 202 -16.89 4.51 18.89
N ALA A 203 -15.63 4.24 19.21
CA ALA A 203 -14.75 5.29 19.72
C ALA A 203 -14.44 6.31 18.64
N PHE A 204 -14.29 5.86 17.39
CA PHE A 204 -14.11 6.79 16.28
C PHE A 204 -15.38 7.62 16.06
N LYS A 205 -16.54 6.98 16.17
CA LYS A 205 -17.81 7.69 16.01
C LYS A 205 -18.02 8.71 17.13
N GLY A 206 -17.62 8.37 18.36
CA GLY A 206 -17.73 9.31 19.46
C GLY A 206 -16.82 10.52 19.30
N LEU A 207 -15.66 10.33 18.68
CA LEU A 207 -14.81 11.47 18.37
C LEU A 207 -15.46 12.37 17.32
N VAL A 208 -16.02 11.77 16.27
CA VAL A 208 -16.60 12.53 15.17
C VAL A 208 -17.83 13.31 15.62
N ASN A 209 -18.71 12.65 16.41
CA ASN A 209 -19.93 13.30 16.91
C ASN A 209 -19.62 14.45 17.89
N SER A 210 -18.54 14.33 18.66
CA SER A 210 -18.12 15.38 19.57
C SER A 210 -17.60 16.61 18.85
N ILE A 211 -17.16 16.48 17.60
CA ILE A 211 -16.64 17.61 16.83
C ILE A 211 -17.68 18.13 15.84
N MET A 212 -18.27 17.25 15.05
CA MET A 212 -19.24 17.64 14.04
C MET A 212 -20.67 17.39 14.52
N PRO B 1 3.93 -14.44 -19.89
CA PRO B 1 2.97 -13.46 -19.33
C PRO B 1 3.09 -12.08 -19.98
N ASP B 2 1.98 -11.36 -20.06
CA ASP B 2 1.94 -10.02 -20.64
C ASP B 2 2.05 -8.97 -19.54
N LEU B 3 2.75 -7.88 -19.84
CA LEU B 3 2.81 -6.72 -18.95
C LEU B 3 2.34 -5.49 -19.72
N TYR B 4 1.16 -4.99 -19.38
CA TYR B 4 0.68 -3.72 -19.90
C TYR B 4 1.35 -2.61 -19.10
N TYR B 5 2.02 -1.69 -19.79
CA TYR B 5 2.92 -0.76 -19.11
C TYR B 5 3.01 0.55 -19.87
N VAL B 6 3.59 1.54 -19.18
CA VAL B 6 4.02 2.81 -19.76
C VAL B 6 5.40 3.10 -19.16
N PRO B 7 6.36 3.66 -19.91
CA PRO B 7 7.74 3.79 -19.38
C PRO B 7 7.91 4.86 -18.32
N GLY B 8 7.13 5.94 -18.36
CA GLY B 8 7.28 6.99 -17.36
C GLY B 8 6.79 6.61 -15.97
N SER B 9 5.86 5.65 -15.89
CA SER B 9 5.30 5.17 -14.63
C SER B 9 6.34 4.50 -13.75
N ALA B 10 6.60 5.09 -12.58
CA ALA B 10 7.42 4.43 -11.56
C ALA B 10 6.89 3.06 -11.11
N PRO B 11 5.58 2.82 -10.87
CA PRO B 11 5.14 1.43 -10.62
C PRO B 11 5.43 0.45 -11.76
N CYS B 12 5.49 0.91 -13.01
CA CYS B 12 5.79 0.00 -14.11
C CYS B 12 7.27 -0.31 -14.17
N ARG B 13 8.11 0.67 -13.87
CA ARG B 13 9.56 0.46 -13.86
C ARG B 13 9.98 -0.46 -12.72
N ALA B 14 9.23 -0.44 -11.61
CA ALA B 14 9.46 -1.39 -10.53
C ALA B 14 9.24 -2.82 -10.99
N VAL B 15 8.21 -3.04 -11.83
CA VAL B 15 7.98 -4.37 -12.38
C VAL B 15 9.09 -4.76 -13.35
N LEU B 16 9.53 -3.79 -14.17
CA LEU B 16 10.59 -4.04 -15.14
C LEU B 16 11.91 -4.39 -14.46
N LEU B 17 12.19 -3.75 -13.32
CA LEU B 17 13.38 -4.08 -12.54
C LEU B 17 13.29 -5.48 -11.96
N THR B 18 12.11 -5.85 -11.47
CA THR B 18 11.91 -7.17 -10.86
C THR B 18 12.03 -8.29 -11.89
N ALA B 19 11.51 -8.06 -13.10
CA ALA B 19 11.64 -9.05 -14.17
C ALA B 19 13.09 -9.23 -14.59
N LYS B 20 13.85 -8.12 -14.65
CA LYS B 20 15.28 -8.20 -14.94
C LYS B 20 16.04 -8.93 -13.84
N ALA B 21 15.73 -8.62 -12.58
CA ALA B 21 16.39 -9.28 -11.46
C ALA B 21 16.05 -10.76 -11.36
N LEU B 22 14.88 -11.16 -11.86
CA LEU B 22 14.50 -12.56 -11.95
C LEU B 22 14.94 -13.23 -13.24
N ASN B 23 15.56 -12.49 -14.16
CA ASN B 23 15.94 -12.95 -15.51
C ASN B 23 14.73 -13.55 -16.25
N LEU B 24 13.67 -12.77 -16.27
CA LEU B 24 12.34 -13.20 -16.70
C LEU B 24 11.90 -12.42 -17.94
N ASN B 25 11.44 -13.13 -18.97
CA ASN B 25 10.78 -12.50 -20.11
C ASN B 25 9.30 -12.30 -19.86
N LEU B 26 8.89 -11.06 -20.03
CA LEU B 26 7.50 -10.66 -20.07
C LEU B 26 7.26 -10.12 -21.47
N ASN B 27 6.07 -10.38 -22.01
CA ASN B 27 5.67 -9.78 -23.28
C ASN B 27 5.18 -8.38 -22.98
N LEU B 28 5.99 -7.37 -23.29
CA LEU B 28 5.64 -5.99 -22.95
C LEU B 28 4.61 -5.45 -23.94
N LYS B 29 3.55 -4.86 -23.41
CA LYS B 29 2.47 -4.29 -24.19
C LYS B 29 2.32 -2.82 -23.79
N LEU B 30 2.82 -1.93 -24.64
CA LEU B 30 2.75 -0.50 -24.37
C LEU B 30 1.31 -0.01 -24.46
N VAL B 31 0.85 0.69 -23.43
CA VAL B 31 -0.52 1.17 -23.38
C VAL B 31 -0.58 2.59 -23.94
N ASP B 32 -1.48 2.80 -24.90
CA ASP B 32 -1.61 4.09 -25.60
C ASP B 32 -2.50 4.99 -24.76
N LEU B 33 -1.86 5.74 -23.85
CA LEU B 33 -2.60 6.69 -23.04
C LEU B 33 -3.00 7.93 -23.84
N HIS B 34 -2.27 8.23 -24.92
CA HIS B 34 -2.57 9.40 -25.75
C HIS B 34 -3.84 9.21 -26.59
N HIS B 35 -4.39 7.99 -26.64
CA HIS B 35 -5.69 7.74 -27.23
C HIS B 35 -6.64 7.08 -26.23
N GLY B 36 -6.25 7.02 -24.95
CA GLY B 36 -7.09 6.46 -23.91
C GLY B 36 -7.40 4.98 -24.00
N GLU B 37 -6.41 4.17 -24.42
CA GLU B 37 -6.58 2.73 -24.61
C GLU B 37 -7.00 2.01 -23.32
N GLN B 38 -6.59 2.52 -22.16
CA GLN B 38 -6.91 1.89 -20.88
C GLN B 38 -8.40 1.94 -20.53
N MET B 39 -9.22 2.71 -21.26
CA MET B 39 -10.65 2.78 -21.04
C MET B 39 -11.46 2.01 -22.08
N LYS B 40 -10.83 1.12 -22.83
CA LYS B 40 -11.62 0.25 -23.68
C LYS B 40 -12.23 -0.85 -22.83
N PRO B 41 -13.33 -1.47 -23.29
CA PRO B 41 -13.97 -2.53 -22.48
C PRO B 41 -13.07 -3.74 -22.25
N GLU B 42 -12.18 -4.04 -23.19
CA GLU B 42 -11.29 -5.18 -23.05
C GLU B 42 -10.21 -4.94 -22.01
N TYR B 43 -9.66 -3.72 -21.94
CA TYR B 43 -8.70 -3.42 -20.88
C TYR B 43 -9.40 -3.37 -19.52
N LEU B 44 -10.61 -2.81 -19.47
CA LEU B 44 -11.35 -2.76 -18.21
C LEU B 44 -11.84 -4.12 -17.77
N LYS B 45 -11.91 -5.09 -18.69
CA LYS B 45 -12.13 -6.47 -18.30
C LYS B 45 -10.94 -7.00 -17.51
N LEU B 46 -9.72 -6.64 -17.94
CA LEU B 46 -8.52 -7.06 -17.20
C LEU B 46 -8.35 -6.27 -15.90
N ASN B 47 -8.61 -4.96 -15.95
CA ASN B 47 -8.27 -4.06 -14.85
C ASN B 47 -9.36 -3.03 -14.80
N PRO B 48 -10.34 -3.14 -13.88
CA PRO B 48 -11.42 -2.15 -13.77
C PRO B 48 -10.95 -0.76 -13.35
N GLN B 49 -9.81 -0.67 -12.66
CA GLN B 49 -9.27 0.63 -12.25
C GLN B 49 -8.58 1.39 -13.38
N HIS B 50 -8.50 0.80 -14.59
CA HIS B 50 -7.83 1.30 -15.81
C HIS B 50 -6.46 1.92 -15.55
N THR B 51 -5.65 1.26 -14.73
CA THR B 51 -4.30 1.71 -14.39
C THR B 51 -3.26 0.87 -15.10
N VAL B 52 -2.03 1.37 -15.09
CA VAL B 52 -0.86 0.59 -15.45
C VAL B 52 0.04 0.55 -14.21
N PRO B 53 0.78 -0.53 -13.95
CA PRO B 53 0.87 -1.78 -14.73
C PRO B 53 -0.29 -2.74 -14.52
N THR B 54 -0.51 -3.58 -15.52
CA THR B 54 -1.35 -4.77 -15.38
C THR B 54 -0.58 -5.95 -15.92
N LEU B 55 -0.38 -6.97 -15.09
CA LEU B 55 0.22 -8.22 -15.52
C LEU B 55 -0.91 -9.18 -15.83
N VAL B 56 -0.87 -9.80 -17.00
CA VAL B 56 -1.80 -10.87 -17.30
C VAL B 56 -0.98 -12.15 -17.41
N ASP B 57 -1.26 -13.11 -16.53
CA ASP B 57 -0.46 -14.33 -16.51
C ASP B 57 -1.39 -15.50 -16.44
N ASP B 58 -1.49 -16.15 -17.58
CA ASP B 58 -2.22 -17.40 -17.84
C ASP B 58 -3.65 -17.33 -17.27
N GLY B 59 -4.42 -16.39 -17.81
CA GLY B 59 -5.79 -16.10 -17.37
C GLY B 59 -5.97 -15.14 -16.21
N LEU B 60 -5.00 -15.01 -15.32
CA LEU B 60 -5.09 -14.08 -14.19
C LEU B 60 -4.55 -12.70 -14.56
N ALA B 61 -5.34 -11.66 -14.28
CA ALA B 61 -4.91 -10.27 -14.44
C ALA B 61 -4.63 -9.67 -13.06
N ILE B 62 -3.44 -9.12 -12.88
CA ILE B 62 -3.02 -8.51 -11.61
C ILE B 62 -2.74 -7.04 -11.83
N ALA B 63 -3.48 -6.18 -11.14
CA ALA B 63 -3.15 -4.77 -11.03
C ALA B 63 -2.30 -4.61 -9.77
N GLU B 64 -1.96 -3.37 -9.40
CA GLU B 64 -1.11 -3.07 -8.23
C GLU B 64 0.30 -3.64 -8.35
N SER B 65 1.20 -2.84 -8.94
CA SER B 65 2.63 -3.18 -9.14
C SER B 65 3.28 -3.94 -7.99
N ARG B 66 3.06 -3.49 -6.75
CA ARG B 66 3.68 -4.15 -5.62
C ARG B 66 3.09 -5.54 -5.35
N ALA B 67 1.87 -5.80 -5.80
CA ALA B 67 1.37 -7.18 -5.80
C ALA B 67 1.94 -7.98 -6.96
N ILE B 68 2.23 -7.32 -8.09
CA ILE B 68 2.87 -8.00 -9.21
C ILE B 68 4.30 -8.40 -8.85
N LEU B 69 5.03 -7.53 -8.12
CA LEU B 69 6.43 -7.77 -7.77
C LEU B 69 6.59 -9.04 -6.95
N THR B 70 5.75 -9.21 -5.95
CA THR B 70 5.85 -10.38 -5.10
C THR B 70 5.31 -11.62 -5.80
N TYR B 71 4.31 -11.46 -6.67
CA TYR B 71 3.81 -12.59 -7.46
C TYR B 71 4.90 -13.20 -8.34
N LEU B 72 5.71 -12.35 -8.96
CA LEU B 72 6.76 -12.83 -9.88
C LEU B 72 7.81 -13.64 -9.12
N VAL B 73 8.16 -13.23 -7.90
CA VAL B 73 9.10 -14.01 -7.12
C VAL B 73 8.42 -15.26 -6.57
N ASN B 74 7.16 -15.14 -6.10
CA ASN B 74 6.44 -16.29 -5.57
C ASN B 74 6.21 -17.37 -6.62
N LYS B 75 6.04 -16.99 -7.88
CA LYS B 75 5.77 -17.93 -8.95
C LYS B 75 7.02 -18.33 -9.75
N TYR B 76 7.92 -17.39 -10.06
CA TYR B 76 9.02 -17.70 -10.96
C TYR B 76 10.39 -17.59 -10.31
N GLY B 77 10.46 -17.20 -9.04
CA GLY B 77 11.71 -17.03 -8.34
C GLY B 77 11.67 -17.68 -6.98
N LYS B 78 11.05 -18.86 -6.86
CA LYS B 78 11.02 -19.61 -5.60
C LYS B 78 12.41 -19.78 -5.01
N GLY B 79 12.54 -19.44 -3.73
CA GLY B 79 13.81 -19.53 -3.05
C GLY B 79 14.80 -18.43 -3.38
N SER B 80 14.34 -17.32 -3.95
CA SER B 80 15.22 -16.20 -4.25
C SER B 80 15.20 -15.22 -3.08
N THR B 81 16.34 -14.57 -2.86
CA THR B 81 16.46 -13.62 -1.77
C THR B 81 15.82 -12.27 -2.08
N LEU B 82 15.27 -12.07 -3.27
CA LEU B 82 14.52 -10.84 -3.58
C LEU B 82 13.23 -10.76 -2.77
N TYR B 83 12.71 -11.88 -2.30
CA TYR B 83 11.51 -11.92 -1.47
C TYR B 83 11.57 -13.21 -0.64
N PRO B 84 12.31 -13.14 0.48
CA PRO B 84 12.58 -14.40 1.22
C PRO B 84 11.35 -14.95 1.91
N GLU B 85 11.32 -16.28 2.03
CA GLU B 85 10.15 -16.96 2.55
C GLU B 85 10.05 -16.92 4.07
N ASP B 86 11.15 -16.65 4.77
CA ASP B 86 11.11 -16.54 6.23
C ASP B 86 10.18 -15.41 6.65
N PRO B 87 9.20 -15.68 7.54
CA PRO B 87 8.15 -14.69 7.85
C PRO B 87 8.66 -13.37 8.41
N LYS B 88 9.74 -13.41 9.20
CA LYS B 88 10.33 -12.18 9.73
C LYS B 88 10.94 -11.35 8.62
N ALA B 89 11.73 -11.99 7.75
CA ALA B 89 12.40 -11.25 6.68
C ALA B 89 11.42 -10.79 5.62
N ARG B 90 10.38 -11.58 5.35
CA ARG B 90 9.32 -11.17 4.42
C ARG B 90 8.54 -9.98 4.97
N ALA B 91 8.34 -9.93 6.30
CA ALA B 91 7.60 -8.84 6.91
C ALA B 91 8.33 -7.51 6.78
N ILE B 92 9.67 -7.53 6.77
CA ILE B 92 10.40 -6.28 6.61
C ILE B 92 10.29 -5.77 5.18
N VAL B 93 10.30 -6.69 4.21
CA VAL B 93 10.10 -6.33 2.80
C VAL B 93 8.69 -5.78 2.59
N ASP B 94 7.67 -6.47 3.15
CA ASP B 94 6.28 -6.05 3.00
C ASP B 94 6.05 -4.68 3.62
N GLN B 95 6.65 -4.45 4.80
CA GLN B 95 6.56 -3.17 5.49
C GLN B 95 7.16 -2.03 4.67
N ARG B 96 8.28 -2.28 3.99
CA ARG B 96 8.86 -1.23 3.14
C ARG B 96 8.03 -0.97 1.89
N LEU B 97 7.35 -2.00 1.37
CA LEU B 97 6.48 -1.83 0.21
C LEU B 97 5.24 -1.00 0.56
N TYR B 98 4.65 -1.22 1.73
CA TYR B 98 3.51 -0.41 2.13
C TYR B 98 3.92 1.01 2.50
N PHE B 99 5.15 1.18 3.01
CA PHE B 99 5.70 2.51 3.21
C PHE B 99 5.85 3.24 1.88
N ASP B 100 6.25 2.50 0.84
CA ASP B 100 6.44 3.07 -0.49
C ASP B 100 5.15 3.65 -1.04
N ILE B 101 4.08 2.85 -1.09
CA ILE B 101 2.84 3.32 -1.71
C ILE B 101 2.11 4.32 -0.80
N GLY B 102 2.10 4.06 0.51
CA GLY B 102 1.23 4.80 1.40
C GLY B 102 1.84 6.06 1.94
N THR B 103 3.16 6.13 2.04
CA THR B 103 3.82 7.30 2.61
C THR B 103 4.74 8.00 1.61
N LEU B 104 5.77 7.32 1.09
CA LEU B 104 6.80 8.01 0.31
C LEU B 104 6.28 8.43 -1.07
N TYR B 105 5.74 7.49 -1.85
CA TYR B 105 5.28 7.87 -3.19
C TYR B 105 4.00 8.69 -3.13
N GLN B 106 3.15 8.42 -2.14
CA GLN B 106 1.93 9.20 -1.95
C GLN B 106 2.25 10.67 -1.68
N ARG B 107 3.22 10.94 -0.79
CA ARG B 107 3.56 12.33 -0.48
C ARG B 107 4.28 13.01 -1.64
N PHE B 108 5.06 12.25 -2.41
CA PHE B 108 5.70 12.80 -3.61
C PHE B 108 4.65 13.26 -4.61
N GLY B 109 3.63 12.43 -4.85
CA GLY B 109 2.57 12.78 -5.77
C GLY B 109 1.72 13.95 -5.27
N ASP B 110 1.45 13.99 -3.96
CA ASP B 110 0.68 15.11 -3.38
C ASP B 110 1.45 16.41 -3.47
N TYR B 111 2.79 16.34 -3.49
CA TYR B 111 3.62 17.53 -3.60
C TYR B 111 3.77 17.98 -5.04
N PHE B 112 4.05 17.05 -5.94
CA PHE B 112 4.51 17.42 -7.28
C PHE B 112 3.37 17.59 -8.28
N TYR B 113 2.38 16.70 -8.26
CA TYR B 113 1.31 16.74 -9.26
C TYR B 113 0.44 18.00 -9.25
N PRO B 114 0.17 18.68 -8.11
CA PRO B 114 -0.42 20.04 -8.23
C PRO B 114 0.46 21.06 -8.95
N GLN B 115 1.79 20.93 -8.91
CA GLN B 115 2.61 21.86 -9.67
C GLN B 115 2.65 21.49 -11.15
N LEU B 116 2.83 20.21 -11.45
CA LEU B 116 2.95 19.75 -12.82
C LEU B 116 1.61 19.83 -13.55
N PHE B 117 0.59 19.18 -13.00
CA PHE B 117 -0.69 19.07 -13.69
C PHE B 117 -1.65 20.20 -13.34
N GLY B 118 -1.62 20.70 -12.10
CA GLY B 118 -2.51 21.78 -11.73
C GLY B 118 -1.96 23.18 -11.86
N GLY B 119 -0.68 23.33 -12.20
CA GLY B 119 -0.03 24.63 -12.30
C GLY B 119 0.12 25.42 -11.02
N ALA B 120 -0.15 24.80 -9.86
CA ALA B 120 -0.14 25.49 -8.58
C ALA B 120 1.30 25.82 -8.15
N PRO B 121 1.48 26.81 -7.28
CA PRO B 121 2.84 27.08 -6.76
C PRO B 121 3.26 26.01 -5.75
N GLU B 122 4.56 26.02 -5.46
CA GLU B 122 5.16 25.00 -4.60
C GLU B 122 4.68 25.15 -3.16
N ASP B 123 4.03 24.11 -2.66
CA ASP B 123 3.58 24.05 -1.27
C ASP B 123 4.75 23.48 -0.46
N LYS B 124 5.36 24.33 0.36
CA LYS B 124 6.48 23.91 1.19
C LYS B 124 6.08 23.07 2.38
N GLU B 125 4.81 23.13 2.80
CA GLU B 125 4.33 22.16 3.78
C GLU B 125 4.27 20.76 3.18
N LYS B 126 3.90 20.67 1.90
CA LYS B 126 3.89 19.36 1.24
C LYS B 126 5.30 18.90 0.93
N LEU B 127 6.22 19.83 0.67
CA LEU B 127 7.64 19.46 0.56
C LEU B 127 8.18 18.94 1.89
N ALA B 128 7.72 19.54 3.00
CA ALA B 128 8.16 19.09 4.33
C ALA B 128 7.70 17.67 4.62
N LYS B 129 6.51 17.28 4.14
CA LYS B 129 6.06 15.91 4.30
C LYS B 129 6.85 14.94 3.42
N VAL B 130 7.31 15.40 2.26
CA VAL B 130 8.18 14.57 1.42
C VAL B 130 9.53 14.36 2.11
N ASP B 131 10.08 15.44 2.66
CA ASP B 131 11.37 15.37 3.36
C ASP B 131 11.29 14.50 4.61
N GLU B 132 10.15 14.50 5.30
CA GLU B 132 9.97 13.63 6.46
C GLU B 132 9.94 12.15 6.05
N ALA B 133 9.31 11.84 4.91
CA ALA B 133 9.30 10.46 4.41
C ALA B 133 10.70 10.02 3.99
N LEU B 134 11.48 10.94 3.40
CA LEU B 134 12.87 10.67 3.07
C LEU B 134 13.72 10.49 4.33
N LYS B 135 13.38 11.18 5.42
CA LYS B 135 14.09 10.99 6.67
C LYS B 135 13.76 9.64 7.30
N PHE B 136 12.51 9.19 7.15
CA PHE B 136 12.13 7.84 7.56
C PHE B 136 12.93 6.79 6.79
N LEU B 137 13.03 6.98 5.46
CA LEU B 137 13.78 6.06 4.61
C LEU B 137 15.26 6.06 4.97
N ASP B 138 15.80 7.25 5.27
CA ASP B 138 17.18 7.39 5.74
C ASP B 138 17.40 6.64 7.05
N THR B 139 16.40 6.69 7.94
CA THR B 139 16.49 5.98 9.22
C THR B 139 16.41 4.47 9.03
N PHE B 140 15.57 4.00 8.08
CA PHE B 140 15.50 2.57 7.76
C PHE B 140 16.83 2.05 7.24
N LEU B 141 17.55 2.86 6.48
CA LEU B 141 18.80 2.44 5.89
C LEU B 141 19.98 2.60 6.83
N GLU B 142 19.75 3.16 8.02
CA GLU B 142 20.79 3.50 8.98
C GLU B 142 21.21 2.19 9.65
N GLY B 143 22.27 1.58 9.14
CA GLY B 143 22.72 0.30 9.65
C GLY B 143 22.45 -0.94 8.81
N GLN B 144 21.93 -0.79 7.58
CA GLN B 144 21.72 -1.89 6.66
C GLN B 144 22.22 -1.46 5.28
N LYS B 145 22.57 -2.44 4.44
CA LYS B 145 22.96 -2.10 3.07
C LYS B 145 21.74 -1.68 2.23
N TYR B 146 20.64 -2.40 2.39
CA TYR B 146 19.42 -2.19 1.62
C TYR B 146 18.26 -1.89 2.57
N VAL B 147 17.08 -1.63 2.01
CA VAL B 147 15.96 -1.12 2.81
C VAL B 147 15.34 -2.17 3.73
N ALA B 148 15.53 -3.46 3.45
CA ALA B 148 14.92 -4.49 4.31
C ALA B 148 15.94 -5.51 4.79
N GLY B 149 17.22 -5.15 4.78
CA GLY B 149 18.28 -6.06 5.17
C GLY B 149 19.52 -5.80 4.34
N ASN B 150 20.40 -6.78 4.30
CA ASN B 150 21.67 -6.64 3.60
C ASN B 150 21.65 -7.23 2.19
N ASN B 151 20.52 -7.77 1.73
CA ASN B 151 20.35 -8.25 0.36
C ASN B 151 19.37 -7.37 -0.41
N LEU B 152 19.58 -7.28 -1.72
CA LEU B 152 18.62 -6.64 -2.60
C LEU B 152 17.30 -7.37 -2.61
N THR B 153 16.20 -6.64 -2.34
CA THR B 153 14.86 -7.22 -2.36
C THR B 153 13.99 -6.43 -3.32
N VAL B 154 12.75 -6.90 -3.51
CA VAL B 154 11.79 -6.18 -4.35
C VAL B 154 11.38 -4.85 -3.75
N ALA B 155 11.56 -4.68 -2.43
CA ALA B 155 11.31 -3.39 -1.79
C ALA B 155 12.30 -2.34 -2.28
N ASP B 156 13.57 -2.75 -2.48
CA ASP B 156 14.56 -1.85 -3.05
C ASP B 156 14.20 -1.45 -4.48
N LEU B 157 13.68 -2.39 -5.25
CA LEU B 157 13.35 -2.11 -6.64
C LEU B 157 12.11 -1.22 -6.76
N SER B 158 11.12 -1.46 -5.90
CA SER B 158 9.95 -0.59 -5.84
C SER B 158 10.33 0.82 -5.39
N LEU B 159 11.17 0.92 -4.37
CA LEU B 159 11.53 2.22 -3.82
C LEU B 159 12.50 2.98 -4.71
N VAL B 160 13.40 2.29 -5.44
CA VAL B 160 14.31 3.04 -6.31
C VAL B 160 13.55 3.61 -7.51
N ALA B 161 12.48 2.94 -7.96
CA ALA B 161 11.65 3.51 -9.02
C ALA B 161 10.89 4.72 -8.53
N SER B 162 10.41 4.67 -7.27
CA SER B 162 9.73 5.83 -6.67
C SER B 162 10.70 6.99 -6.49
N VAL B 163 11.89 6.71 -5.96
CA VAL B 163 12.86 7.76 -5.65
C VAL B 163 13.50 8.31 -6.94
N SER B 164 13.64 7.47 -7.98
CA SER B 164 14.06 7.94 -9.30
C SER B 164 13.23 9.11 -9.82
N SER B 165 11.91 9.04 -9.62
CA SER B 165 10.98 10.10 -10.05
C SER B 165 11.24 11.43 -9.37
N PHE B 166 11.88 11.44 -8.19
CA PHE B 166 12.18 12.67 -7.46
C PHE B 166 13.18 13.55 -8.24
N GLU B 167 14.01 12.93 -9.10
CA GLU B 167 14.95 13.68 -9.94
C GLU B 167 14.22 14.60 -10.91
N ALA B 168 13.13 14.11 -11.50
CA ALA B 168 12.35 14.92 -12.45
C ALA B 168 11.68 16.10 -11.77
N ALA B 169 11.38 15.98 -10.49
CA ALA B 169 10.80 17.08 -9.73
C ALA B 169 11.87 17.96 -9.10
N ASN B 170 13.15 17.64 -9.32
CA ASN B 170 14.31 18.32 -8.73
C ASN B 170 14.21 18.41 -7.20
N ILE B 171 13.72 17.34 -6.59
CA ILE B 171 13.69 17.24 -5.14
C ILE B 171 15.07 16.80 -4.66
N ASP B 172 15.61 17.50 -3.67
CA ASP B 172 16.89 17.14 -3.07
C ASP B 172 16.65 15.95 -2.14
N PHE B 173 17.00 14.76 -2.59
CA PHE B 173 17.02 13.59 -1.72
C PHE B 173 18.42 13.10 -1.41
N LEU B 174 19.43 13.51 -2.19
CA LEU B 174 20.80 13.05 -1.97
C LEU B 174 21.45 13.66 -0.74
N LYS B 175 20.86 14.71 -0.17
CA LYS B 175 21.31 15.26 1.10
C LYS B 175 21.05 14.31 2.28
N TYR B 176 20.19 13.30 2.12
CA TYR B 176 20.05 12.25 3.10
C TYR B 176 21.10 11.20 2.79
N GLY B 177 22.07 11.06 3.70
CA GLY B 177 23.30 10.35 3.38
C GLY B 177 23.11 8.86 3.20
N ASN B 178 22.23 8.25 4.00
CA ASN B 178 21.96 6.82 3.83
C ASN B 178 21.15 6.57 2.57
N VAL B 179 20.19 7.46 2.26
CA VAL B 179 19.43 7.36 1.03
C VAL B 179 20.35 7.47 -0.18
N LYS B 180 21.32 8.39 -0.13
CA LYS B 180 22.26 8.58 -1.24
C LYS B 180 23.14 7.35 -1.45
N ARG B 181 23.69 6.81 -0.36
CA ARG B 181 24.48 5.57 -0.43
C ARG B 181 23.67 4.42 -0.98
N TRP B 182 22.42 4.26 -0.51
CA TRP B 182 21.57 3.18 -0.97
C TRP B 182 21.18 3.35 -2.43
N TYR B 183 20.85 4.59 -2.85
CA TYR B 183 20.41 4.87 -4.21
C TYR B 183 21.49 4.52 -5.22
N GLU B 184 22.73 4.94 -4.96
CA GLU B 184 23.84 4.61 -5.84
C GLU B 184 24.17 3.11 -5.82
N THR B 185 23.96 2.45 -4.67
CA THR B 185 24.17 1.00 -4.59
C THR B 185 23.17 0.25 -5.44
N VAL B 186 21.89 0.64 -5.39
CA VAL B 186 20.85 -0.04 -6.18
C VAL B 186 21.08 0.17 -7.68
N LYS B 187 21.48 1.40 -8.06
CA LYS B 187 21.79 1.69 -9.47
C LYS B 187 22.94 0.83 -9.98
N ALA B 188 23.93 0.53 -9.12
CA ALA B 188 25.07 -0.28 -9.53
C ALA B 188 24.81 -1.78 -9.44
N THR B 189 23.87 -2.23 -8.61
CA THR B 189 23.72 -3.66 -8.38
C THR B 189 22.39 -4.26 -8.85
N ALA B 190 21.36 -3.46 -9.12
CA ALA B 190 20.14 -4.03 -9.66
C ALA B 190 20.37 -4.42 -11.11
N PRO B 191 20.09 -5.67 -11.50
CA PRO B 191 20.34 -6.11 -12.88
C PRO B 191 19.52 -5.32 -13.89
N GLY B 192 20.21 -4.82 -14.92
CA GLY B 192 19.55 -4.12 -16.01
C GLY B 192 18.90 -2.81 -15.59
N TYR B 193 19.53 -2.06 -14.68
CA TYR B 193 18.91 -0.88 -14.08
C TYR B 193 18.60 0.19 -15.13
N GLU B 194 19.58 0.49 -16.01
CA GLU B 194 19.39 1.56 -16.98
C GLU B 194 18.33 1.21 -18.00
N GLU B 195 18.28 -0.05 -18.43
CA GLU B 195 17.26 -0.48 -19.37
C GLU B 195 15.87 -0.51 -18.71
N ALA B 196 15.77 -1.03 -17.49
CA ALA B 196 14.47 -1.20 -16.86
C ALA B 196 13.95 0.08 -16.20
N ASN B 197 14.82 0.89 -15.61
CA ASN B 197 14.37 2.09 -14.91
C ASN B 197 14.87 3.39 -15.52
N GLY B 198 16.16 3.48 -15.85
CA GLY B 198 16.74 4.74 -16.27
C GLY B 198 16.20 5.24 -17.59
N LYS B 199 15.87 4.31 -18.48
CA LYS B 199 15.39 4.66 -19.82
C LYS B 199 13.98 5.24 -19.76
N GLY B 200 13.06 4.56 -19.05
CA GLY B 200 11.71 5.08 -18.88
C GLY B 200 11.62 6.34 -18.04
N LEU B 201 12.58 6.53 -17.12
CA LEU B 201 12.63 7.76 -16.32
C LEU B 201 12.90 8.98 -17.18
N GLU B 202 13.61 8.81 -18.31
CA GLU B 202 13.91 9.92 -19.20
C GLU B 202 12.65 10.44 -19.91
N ALA B 203 11.67 9.58 -20.15
CA ALA B 203 10.41 10.05 -20.73
C ALA B 203 9.63 10.91 -19.75
N PHE B 204 9.67 10.59 -18.46
CA PHE B 204 9.06 11.43 -17.45
C PHE B 204 9.79 12.76 -17.32
N LYS B 205 11.13 12.71 -17.35
CA LYS B 205 11.95 13.93 -17.28
C LYS B 205 11.70 14.82 -18.49
N GLY B 206 11.54 14.23 -19.68
CA GLY B 206 11.25 14.99 -20.87
C GLY B 206 9.90 15.69 -20.84
N LEU B 207 8.91 15.08 -20.18
CA LEU B 207 7.62 15.75 -20.00
C LEU B 207 7.77 16.95 -19.09
N VAL B 208 8.47 16.79 -17.96
CA VAL B 208 8.61 17.85 -16.97
C VAL B 208 9.44 19.01 -17.54
N ASN B 209 10.51 18.69 -18.28
CA ASN B 209 11.33 19.73 -18.91
C ASN B 209 10.57 20.54 -19.95
N SER B 210 9.62 19.91 -20.65
CA SER B 210 8.85 20.65 -21.65
C SER B 210 7.86 21.63 -21.01
N ILE B 211 7.45 21.40 -19.77
CA ILE B 211 6.48 22.27 -19.10
C ILE B 211 7.17 23.23 -18.14
N MET B 212 8.02 22.70 -17.26
CA MET B 212 8.69 23.51 -16.25
C MET B 212 10.14 23.79 -16.66
#